data_7KIE
#
_entry.id   7KIE
#
_cell.length_a   106.300
_cell.length_b   116.910
_cell.length_c   64.670
_cell.angle_alpha   90.000
_cell.angle_beta   90.000
_cell.angle_gamma   90.000
#
_symmetry.space_group_name_H-M   'P 21 21 2'
#
loop_
_entity.id
_entity.type
_entity.pdbx_description
1 polymer 'Fibroblast growth factor receptor 2'
2 non-polymer N-{4-[(E)-2-{4-(4-methylpiperazin-1-yl)-6-[(5-methyl-1H-pyrazol-3-yl)amino]pyrimidin-2-yl}ethenyl]phenyl}prop-2-enamide
3 non-polymer 'CITRATE ANION'
4 non-polymer GLYCEROL
5 water water
#
_entity_poly.entity_id   1
_entity_poly.type   'polypeptide(L)'
_entity_poly.pdbx_seq_one_letter_code
;AGVSEYELPEDPKWEFPRDKLTLGKPLGEGCFGQVVMAEAVGIDKDKPKEAVTVAVKMLKDDATEKDLSDLVSEMEMMKM
IGKHKNIINLLGACTQDGPLYVIFEYASKGNLREYLRARRPPGMEYSYDINRVPEEQMTFKDLVSCTYQLARGMEYLASQ
KCIHRDLAARNVLVTENNVMKIADFGLARDINNIDYYKKTTNGRLPVKWMAPEALFDRVYTHQSDVWSFGVLMWEIFTLG
GSPYPGIPVEELFKLLKEGHRMDKPANCTNELYMMMRDCWHAVPSQRPTFKQLVEDLDRILTLTTNEE
;
_entity_poly.pdbx_strand_id   A,B
#
loop_
_chem_comp.id
_chem_comp.type
_chem_comp.name
_chem_comp.formula
FLC non-polymer 'CITRATE ANION' 'C6 H5 O7 -3'
GOL non-polymer GLYCEROL 'C3 H8 O3'
WF7 non-polymer N-{4-[(E)-2-{4-(4-methylpiperazin-1-yl)-6-[(5-methyl-1H-pyrazol-3-yl)amino]pyrimidin-2-yl}ethenyl]phenyl}prop-2-enamide 'C24 H28 N8 O'
#
# COMPACT_ATOMS: atom_id res chain seq x y z
N TYR A 6 -16.48 -15.43 3.35
CA TYR A 6 -17.73 -15.43 4.17
C TYR A 6 -17.43 -14.98 5.61
N GLU A 7 -16.79 -15.86 6.40
CA GLU A 7 -16.69 -15.70 7.84
C GLU A 7 -15.39 -16.31 8.36
N LEU A 8 -15.03 -15.93 9.58
CA LEU A 8 -13.84 -16.45 10.25
C LEU A 8 -14.24 -17.55 11.24
N PRO A 9 -13.50 -18.68 11.31
CA PRO A 9 -13.79 -19.73 12.29
C PRO A 9 -13.59 -19.19 13.70
N GLU A 10 -14.32 -19.76 14.67
CA GLU A 10 -14.27 -19.34 16.06
C GLU A 10 -12.99 -19.85 16.71
N ASP A 11 -12.25 -18.94 17.37
CA ASP A 11 -11.13 -19.33 18.23
C ASP A 11 -11.32 -18.71 19.61
N PRO A 12 -11.97 -19.43 20.56
CA PRO A 12 -12.25 -18.88 21.91
C PRO A 12 -11.01 -18.55 22.74
N LYS A 13 -9.91 -19.30 22.50
CA LYS A 13 -8.64 -19.10 23.17
C LYS A 13 -8.11 -17.67 22.97
N TRP A 14 -8.47 -17.02 21.86
CA TRP A 14 -7.90 -15.73 21.49
C TRP A 14 -8.98 -14.64 21.42
N GLU A 15 -10.26 -15.03 21.46
CA GLU A 15 -11.32 -14.07 21.30
C GLU A 15 -11.32 -13.08 22.45
N PHE A 16 -11.52 -11.81 22.10
CA PHE A 16 -11.71 -10.73 23.06
C PHE A 16 -13.07 -10.08 22.79
N PRO A 17 -13.90 -9.79 23.84
CA PRO A 17 -15.19 -9.14 23.64
C PRO A 17 -15.09 -7.69 23.17
N ARG A 18 -15.90 -7.31 22.18
CA ARG A 18 -15.88 -6.00 21.53
C ARG A 18 -16.22 -4.85 22.48
N ASP A 19 -17.09 -5.11 23.46
CA ASP A 19 -17.61 -4.04 24.32
C ASP A 19 -16.57 -3.65 25.37
N LYS A 20 -15.47 -4.42 25.46
CA LYS A 20 -14.40 -4.18 26.40
C LYS A 20 -13.25 -3.41 25.75
N LEU A 21 -13.35 -3.20 24.42
CA LEU A 21 -12.34 -2.50 23.64
C LEU A 21 -12.87 -1.13 23.21
N THR A 22 -12.10 -0.07 23.53
CA THR A 22 -12.38 1.32 23.17
C THR A 22 -11.25 1.86 22.26
N LEU A 23 -11.49 1.82 20.94
CA LEU A 23 -10.58 2.42 19.96
C LEU A 23 -10.34 3.89 20.29
N GLY A 24 -9.07 4.32 20.17
CA GLY A 24 -8.65 5.70 20.37
C GLY A 24 -8.07 6.32 19.09
N LYS A 25 -6.93 7.00 19.22
CA LYS A 25 -6.34 7.81 18.15
C LYS A 25 -5.48 6.95 17.21
N PRO A 26 -5.59 7.13 15.87
CA PRO A 26 -4.66 6.47 14.95
C PRO A 26 -3.19 6.72 15.30
N LEU A 27 -2.36 5.69 15.09
CA LEU A 27 -0.91 5.76 15.29
C LEU A 27 -0.26 6.01 13.94
N GLY A 28 -0.84 5.38 12.91
CA GLY A 28 -0.50 5.62 11.52
C GLY A 28 -1.75 5.32 10.71
N GLU A 29 -1.64 5.43 9.40
CA GLU A 29 -2.58 4.92 8.40
C GLU A 29 -1.71 4.72 7.17
N GLY A 30 -2.30 4.29 6.06
CA GLY A 30 -1.49 3.97 4.89
C GLY A 30 -2.07 2.81 4.10
N CYS A 31 -1.18 1.97 3.56
CA CYS A 31 -1.33 1.10 2.39
C CYS A 31 -2.04 -0.24 2.65
N PHE A 32 -1.50 -1.05 3.58
CA PHE A 32 -2.07 -2.36 3.88
C PHE A 32 -3.26 -2.16 4.80
N GLY A 33 -2.98 -1.55 5.96
CA GLY A 33 -3.99 -1.30 6.96
C GLY A 33 -3.63 -0.14 7.88
N GLN A 34 -4.43 0.00 8.94
CA GLN A 34 -4.40 1.08 9.90
C GLN A 34 -4.15 0.50 11.29
N VAL A 35 -3.42 1.23 12.14
CA VAL A 35 -3.15 0.84 13.51
C VAL A 35 -3.56 1.98 14.44
N VAL A 36 -4.28 1.62 15.52
CA VAL A 36 -5.02 2.53 16.36
C VAL A 36 -4.73 2.15 17.82
N MET A 37 -4.45 3.14 18.66
CA MET A 37 -4.36 2.97 20.10
C MET A 37 -5.75 2.61 20.64
N ALA A 38 -5.80 1.96 21.81
CA ALA A 38 -7.06 1.49 22.38
C ALA A 38 -6.85 1.07 23.82
N GLU A 39 -7.93 1.18 24.61
CA GLU A 39 -8.01 0.67 25.97
C GLU A 39 -8.79 -0.65 25.94
N ALA A 40 -8.19 -1.73 26.45
CA ALA A 40 -8.83 -3.04 26.50
C ALA A 40 -8.98 -3.46 27.96
N VAL A 41 -10.24 -3.54 28.44
CA VAL A 41 -10.53 -3.83 29.84
C VAL A 41 -10.50 -5.34 30.04
N GLY A 42 -9.59 -5.81 30.91
CA GLY A 42 -9.53 -7.20 31.34
C GLY A 42 -8.87 -8.12 30.33
N ILE A 43 -7.93 -7.59 29.54
CA ILE A 43 -7.28 -8.37 28.51
C ILE A 43 -6.17 -9.21 29.12
N ASP A 44 -5.52 -8.70 30.18
CA ASP A 44 -4.81 -9.54 31.13
C ASP A 44 -5.84 -10.14 32.10
N LYS A 45 -6.11 -11.44 31.93
CA LYS A 45 -7.21 -12.16 32.57
C LYS A 45 -7.05 -12.29 34.08
N ASP A 46 -5.80 -12.20 34.56
CA ASP A 46 -5.51 -12.19 35.99
C ASP A 46 -5.95 -10.87 36.63
N LYS A 47 -6.23 -9.86 35.81
CA LYS A 47 -6.67 -8.55 36.30
C LYS A 47 -7.91 -8.09 35.53
N PRO A 48 -9.09 -8.72 35.73
CA PRO A 48 -10.23 -8.58 34.82
C PRO A 48 -10.91 -7.22 34.70
N LYS A 49 -10.51 -6.28 35.57
CA LYS A 49 -11.14 -4.97 35.66
C LYS A 49 -10.17 -3.85 35.29
N GLU A 50 -8.93 -4.18 34.94
CA GLU A 50 -7.94 -3.18 34.56
C GLU A 50 -7.94 -2.99 33.03
N ALA A 51 -7.94 -1.71 32.61
CA ALA A 51 -7.84 -1.32 31.21
C ALA A 51 -6.37 -1.16 30.84
N VAL A 52 -5.94 -1.91 29.82
CA VAL A 52 -4.56 -1.77 29.36
C VAL A 52 -4.54 -1.14 27.97
N THR A 53 -3.62 -0.18 27.79
CA THR A 53 -3.33 0.41 26.49
C THR A 53 -2.78 -0.67 25.57
N VAL A 54 -3.41 -0.83 24.40
CA VAL A 54 -3.03 -1.80 23.37
C VAL A 54 -3.01 -1.08 22.02
N ALA A 55 -2.56 -1.80 21.00
CA ALA A 55 -2.55 -1.33 19.62
C ALA A 55 -3.38 -2.31 18.80
N VAL A 56 -4.31 -1.79 18.00
CA VAL A 56 -5.23 -2.60 17.22
C VAL A 56 -4.96 -2.38 15.73
N LYS A 57 -4.75 -3.46 14.99
CA LYS A 57 -4.65 -3.43 13.54
C LYS A 57 -6.02 -3.75 12.97
N MET A 58 -6.47 -2.93 12.01
CA MET A 58 -7.76 -3.14 11.36
C MET A 58 -7.63 -2.69 9.91
N LEU A 59 -8.66 -2.97 9.11
CA LEU A 59 -8.75 -2.58 7.70
C LEU A 59 -9.27 -1.15 7.60
N LYS A 60 -8.82 -0.44 6.54
CA LYS A 60 -9.34 0.88 6.21
C LYS A 60 -10.56 0.71 5.29
N ASP A 61 -11.19 1.83 4.90
CA ASP A 61 -12.40 1.82 4.09
C ASP A 61 -12.16 1.21 2.70
N ASP A 62 -10.97 1.46 2.13
CA ASP A 62 -10.66 1.13 0.76
C ASP A 62 -9.98 -0.24 0.65
N ALA A 63 -10.10 -1.04 1.72
CA ALA A 63 -9.43 -2.32 1.83
C ALA A 63 -9.88 -3.27 0.72
N THR A 64 -9.00 -4.21 0.35
CA THR A 64 -9.22 -5.20 -0.69
C THR A 64 -9.30 -6.59 -0.06
N GLU A 65 -9.65 -7.58 -0.88
CA GLU A 65 -9.77 -8.96 -0.45
C GLU A 65 -8.43 -9.44 0.12
N LYS A 66 -7.34 -9.12 -0.61
CA LYS A 66 -5.98 -9.45 -0.26
C LYS A 66 -5.58 -8.81 1.07
N ASP A 67 -5.96 -7.53 1.27
CA ASP A 67 -5.67 -6.80 2.49
C ASP A 67 -6.24 -7.58 3.67
N LEU A 68 -7.48 -8.07 3.49
CA LEU A 68 -8.16 -8.79 4.55
C LEU A 68 -7.44 -10.12 4.81
N SER A 69 -7.10 -10.85 3.75
CA SER A 69 -6.47 -12.16 3.90
C SER A 69 -5.04 -12.07 4.43
N ASP A 70 -4.38 -10.91 4.29
CA ASP A 70 -3.07 -10.64 4.86
C ASP A 70 -3.18 -10.36 6.36
N LEU A 71 -4.25 -9.68 6.76
CA LEU A 71 -4.48 -9.41 8.17
C LEU A 71 -4.83 -10.72 8.87
N VAL A 72 -5.77 -11.50 8.31
CA VAL A 72 -6.06 -12.84 8.82
C VAL A 72 -4.76 -13.64 8.92
N SER A 73 -4.02 -13.71 7.82
CA SER A 73 -2.76 -14.43 7.77
C SER A 73 -1.84 -14.06 8.93
N GLU A 74 -1.61 -12.77 9.15
CA GLU A 74 -0.71 -12.30 10.17
C GLU A 74 -1.16 -12.80 11.56
N MET A 75 -2.46 -12.65 11.85
CA MET A 75 -3.01 -13.08 13.12
C MET A 75 -2.78 -14.57 13.32
N GLU A 76 -3.05 -15.36 12.27
CA GLU A 76 -2.80 -16.79 12.32
C GLU A 76 -1.34 -17.07 12.67
N MET A 77 -0.38 -16.38 12.03
CA MET A 77 1.04 -16.61 12.22
C MET A 77 1.47 -16.30 13.66
N MET A 78 0.92 -15.23 14.25
CA MET A 78 1.25 -14.85 15.61
C MET A 78 0.88 -15.97 16.59
N LYS A 79 -0.28 -16.59 16.38
CA LYS A 79 -0.73 -17.69 17.22
C LYS A 79 0.22 -18.88 17.14
N MET A 80 0.74 -19.17 15.94
CA MET A 80 1.54 -20.36 15.72
C MET A 80 2.94 -20.21 16.34
N ILE A 81 3.57 -19.04 16.23
CA ILE A 81 4.99 -18.92 16.58
C ILE A 81 5.20 -18.92 18.10
N GLY A 82 4.17 -18.56 18.87
CA GLY A 82 4.27 -18.53 20.31
C GLY A 82 4.90 -17.22 20.77
N LYS A 83 5.50 -17.24 21.97
CA LYS A 83 5.85 -16.04 22.73
C LYS A 83 7.36 -15.93 22.90
N HIS A 84 7.87 -14.69 22.77
CA HIS A 84 9.27 -14.38 23.02
C HIS A 84 9.39 -12.89 23.36
N LYS A 85 10.36 -12.55 24.20
CA LYS A 85 10.57 -11.18 24.66
C LYS A 85 10.92 -10.24 23.50
N ASN A 86 11.48 -10.77 22.40
CA ASN A 86 11.87 -9.88 21.30
C ASN A 86 10.91 -9.99 20.12
N ILE A 87 9.71 -10.53 20.35
CA ILE A 87 8.66 -10.55 19.34
C ILE A 87 7.42 -9.90 19.93
N ILE A 88 6.81 -9.00 19.14
CA ILE A 88 5.60 -8.29 19.53
C ILE A 88 4.53 -9.29 19.95
N ASN A 89 3.86 -8.99 21.05
CA ASN A 89 2.95 -9.92 21.69
C ASN A 89 1.55 -9.75 21.10
N LEU A 90 0.99 -10.85 20.58
CA LEU A 90 -0.42 -10.89 20.22
C LEU A 90 -1.27 -11.08 21.48
N LEU A 91 -2.24 -10.17 21.73
CA LEU A 91 -3.00 -10.20 22.96
C LEU A 91 -4.37 -10.84 22.77
N GLY A 92 -4.95 -10.65 21.58
CA GLY A 92 -6.26 -11.19 21.22
C GLY A 92 -6.76 -10.62 19.90
N ALA A 93 -7.99 -10.98 19.52
CA ALA A 93 -8.64 -10.52 18.31
C ALA A 93 -10.16 -10.43 18.56
N CYS A 94 -10.82 -9.55 17.82
CA CYS A 94 -12.28 -9.57 17.67
C CYS A 94 -12.59 -10.03 16.24
N THR A 95 -13.01 -11.29 16.10
CA THR A 95 -13.13 -11.92 14.80
C THR A 95 -14.59 -12.11 14.39
N GLN A 96 -15.53 -11.87 15.32
CA GLN A 96 -16.92 -12.25 15.15
C GLN A 96 -17.81 -11.01 15.23
N ASP A 97 -18.78 -10.95 14.30
CA ASP A 97 -19.90 -10.00 14.32
C ASP A 97 -19.41 -8.56 14.25
N GLY A 98 -18.47 -8.30 13.33
CA GLY A 98 -17.97 -6.95 13.08
C GLY A 98 -16.61 -6.95 12.39
N PRO A 99 -15.97 -5.77 12.28
CA PRO A 99 -14.67 -5.67 11.60
C PRO A 99 -13.61 -6.48 12.35
N LEU A 100 -12.72 -7.16 11.61
CA LEU A 100 -11.58 -7.86 12.20
C LEU A 100 -10.68 -6.83 12.89
N TYR A 101 -10.54 -6.98 14.21
CA TYR A 101 -9.54 -6.27 14.99
C TYR A 101 -8.51 -7.28 15.48
N VAL A 102 -7.23 -6.96 15.32
CA VAL A 102 -6.14 -7.80 15.80
C VAL A 102 -5.36 -6.97 16.83
N ILE A 103 -5.33 -7.44 18.09
CA ILE A 103 -4.89 -6.65 19.22
C ILE A 103 -3.48 -7.09 19.62
N PHE A 104 -2.56 -6.12 19.74
CA PHE A 104 -1.17 -6.35 20.07
C PHE A 104 -0.79 -5.50 21.28
N GLU A 105 0.30 -5.87 21.96
CA GLU A 105 0.87 -4.95 22.94
C GLU A 105 1.22 -3.64 22.23
N TYR A 106 1.12 -2.55 23.00
CA TYR A 106 1.50 -1.22 22.58
C TYR A 106 2.98 -1.01 22.91
N ALA A 107 3.76 -0.72 21.86
CA ALA A 107 5.15 -0.28 21.99
C ALA A 107 5.15 1.23 21.91
N SER A 108 5.41 1.90 23.04
CA SER A 108 5.29 3.36 23.11
C SER A 108 6.16 4.13 22.12
N LYS A 109 7.39 3.65 21.83
CA LYS A 109 8.38 4.49 21.16
C LYS A 109 8.36 4.38 19.63
N GLY A 110 7.50 3.52 19.06
CA GLY A 110 7.31 3.50 17.61
C GLY A 110 8.31 2.56 16.93
N ASN A 111 8.39 2.61 15.59
CA ASN A 111 9.32 1.77 14.84
C ASN A 111 10.77 2.22 15.07
N LEU A 112 11.71 1.27 14.90
CA LEU A 112 13.13 1.50 15.16
C LEU A 112 13.72 2.56 14.24
N ARG A 113 13.34 2.53 12.95
CA ARG A 113 13.88 3.50 11.99
C ARG A 113 13.70 4.93 12.50
N GLU A 114 12.49 5.27 12.96
CA GLU A 114 12.16 6.63 13.41
C GLU A 114 12.86 6.93 14.74
N TYR A 115 12.80 5.97 15.66
CA TYR A 115 13.46 6.04 16.95
C TYR A 115 14.95 6.33 16.80
N LEU A 116 15.59 5.75 15.76
CA LEU A 116 17.03 5.86 15.59
C LEU A 116 17.40 7.23 15.01
N ARG A 117 16.63 7.70 14.02
CA ARG A 117 16.84 8.99 13.38
C ARG A 117 16.67 10.16 14.35
N ALA A 118 15.75 10.01 15.33
CA ALA A 118 15.41 11.03 16.30
C ALA A 118 16.55 11.22 17.30
N ARG A 119 17.48 10.25 17.32
CA ARG A 119 18.52 10.19 18.33
C ARG A 119 19.89 10.38 17.68
N ARG A 120 19.89 10.87 16.43
CA ARG A 120 21.10 11.28 15.74
C ARG A 120 21.72 12.47 16.48
N PRO A 121 23.07 12.50 16.66
CA PRO A 121 23.75 13.67 17.25
C PRO A 121 23.39 14.96 16.51
N PRO A 122 23.18 16.08 17.25
CA PRO A 122 22.76 17.36 16.68
C PRO A 122 23.56 17.83 15.45
N GLY A 123 22.83 18.32 14.44
CA GLY A 123 23.43 18.73 13.17
C GLY A 123 23.99 17.55 12.39
N PRO A 134 14.53 9.73 24.03
CA PRO A 134 13.68 10.59 23.21
C PRO A 134 14.44 11.59 22.33
N GLU A 135 15.67 11.96 22.74
CA GLU A 135 16.50 12.85 21.93
C GLU A 135 17.99 12.60 22.17
N GLU A 136 18.31 11.78 23.19
CA GLU A 136 19.65 11.59 23.71
C GLU A 136 20.47 10.57 22.88
N GLN A 137 21.67 10.99 22.42
CA GLN A 137 22.49 10.23 21.49
C GLN A 137 22.70 8.79 21.98
N MET A 138 22.45 7.84 21.07
CA MET A 138 22.69 6.41 21.30
C MET A 138 24.18 6.16 21.49
N THR A 139 24.53 5.33 22.48
CA THR A 139 25.89 4.85 22.67
C THR A 139 26.12 3.57 21.86
N PHE A 140 27.38 3.23 21.60
CA PHE A 140 27.76 2.04 20.86
C PHE A 140 27.14 0.79 21.48
N LYS A 141 27.33 0.66 22.80
CA LYS A 141 26.75 -0.42 23.60
C LYS A 141 25.24 -0.54 23.34
N ASP A 142 24.56 0.60 23.14
CA ASP A 142 23.12 0.59 22.90
C ASP A 142 22.82 -0.04 21.54
N LEU A 143 23.65 0.24 20.54
CA LEU A 143 23.44 -0.25 19.17
C LEU A 143 23.69 -1.75 19.09
N VAL A 144 24.70 -2.23 19.82
CA VAL A 144 25.01 -3.65 19.86
C VAL A 144 23.92 -4.40 20.61
N SER A 145 23.43 -3.82 21.71
CA SER A 145 22.35 -4.43 22.49
C SER A 145 21.15 -4.67 21.59
N CYS A 146 20.74 -3.59 20.92
CA CYS A 146 19.61 -3.57 20.02
C CYS A 146 19.77 -4.71 19.00
N THR A 147 20.98 -4.84 18.45
CA THR A 147 21.32 -5.87 17.49
C THR A 147 21.14 -7.27 18.07
N TYR A 148 21.65 -7.47 19.30
CA TYR A 148 21.58 -8.76 20.01
C TYR A 148 20.13 -9.19 20.22
N GLN A 149 19.32 -8.27 20.76
CA GLN A 149 17.90 -8.50 20.97
C GLN A 149 17.26 -9.01 19.68
N LEU A 150 17.59 -8.37 18.56
CA LEU A 150 16.92 -8.71 17.32
C LEU A 150 17.42 -10.05 16.79
N ALA A 151 18.70 -10.37 17.05
CA ALA A 151 19.21 -11.68 16.68
C ALA A 151 18.59 -12.79 17.52
N ARG A 152 18.30 -12.52 18.81
CA ARG A 152 17.61 -13.48 19.66
C ARG A 152 16.21 -13.76 19.13
N GLY A 153 15.45 -12.70 18.82
CA GLY A 153 14.14 -12.87 18.23
C GLY A 153 14.17 -13.73 16.96
N MET A 154 15.09 -13.44 16.04
CA MET A 154 15.18 -14.18 14.80
C MET A 154 15.63 -15.62 15.01
N GLU A 155 16.53 -15.84 15.98
CA GLU A 155 16.95 -17.19 16.35
C GLU A 155 15.74 -18.01 16.82
N TYR A 156 14.92 -17.40 17.68
CA TYR A 156 13.67 -18.04 18.10
C TYR A 156 12.78 -18.35 16.90
N LEU A 157 12.58 -17.36 16.01
CA LEU A 157 11.74 -17.54 14.83
C LEU A 157 12.20 -18.75 14.00
N ALA A 158 13.49 -18.80 13.64
CA ALA A 158 13.99 -19.88 12.81
C ALA A 158 13.72 -21.23 13.47
N SER A 159 13.87 -21.28 14.80
CA SER A 159 13.67 -22.51 15.54
C SER A 159 12.20 -22.98 15.52
N GLN A 160 11.24 -22.07 15.28
CA GLN A 160 9.83 -22.37 15.06
C GLN A 160 9.48 -22.61 13.57
N LYS A 161 10.48 -22.78 12.70
CA LYS A 161 10.27 -23.09 11.28
C LYS A 161 9.53 -21.97 10.54
N CYS A 162 9.63 -20.74 11.07
CA CYS A 162 9.03 -19.55 10.46
C CYS A 162 10.12 -18.65 9.87
N ILE A 163 9.92 -18.24 8.61
CA ILE A 163 10.68 -17.19 7.94
C ILE A 163 9.82 -15.93 7.92
N HIS A 164 10.44 -14.76 8.13
CA HIS A 164 9.72 -13.51 8.32
C HIS A 164 9.53 -12.78 6.97
N ARG A 165 10.61 -12.71 6.17
CA ARG A 165 10.61 -12.29 4.78
C ARG A 165 10.63 -10.78 4.61
N ASP A 166 10.44 -10.01 5.69
CA ASP A 166 10.33 -8.57 5.60
C ASP A 166 11.00 -7.94 6.83
N LEU A 167 12.21 -8.40 7.12
CA LEU A 167 12.99 -7.87 8.24
C LEU A 167 13.56 -6.51 7.81
N ALA A 168 13.49 -5.52 8.70
CA ALA A 168 13.83 -4.16 8.34
C ALA A 168 13.50 -3.26 9.52
N ALA A 169 14.21 -2.13 9.64
CA ALA A 169 14.12 -1.24 10.79
C ALA A 169 12.69 -0.73 11.02
N ARG A 170 11.94 -0.50 9.93
CA ARG A 170 10.58 0.04 9.99
C ARG A 170 9.62 -0.98 10.58
N ASN A 171 10.06 -2.24 10.62
CA ASN A 171 9.23 -3.36 11.03
C ASN A 171 9.66 -3.86 12.41
N VAL A 172 10.46 -3.06 13.12
CA VAL A 172 10.80 -3.39 14.49
C VAL A 172 10.24 -2.29 15.38
N LEU A 173 9.52 -2.69 16.44
CA LEU A 173 8.93 -1.72 17.36
C LEU A 173 9.79 -1.65 18.63
N VAL A 174 9.70 -0.53 19.35
CA VAL A 174 10.52 -0.24 20.51
C VAL A 174 9.59 0.18 21.66
N THR A 175 9.65 -0.57 22.77
CA THR A 175 8.82 -0.33 23.94
C THR A 175 9.40 0.81 24.79
N GLU A 176 8.70 1.12 25.89
CA GLU A 176 9.01 2.18 26.82
C GLU A 176 10.35 1.90 27.49
N ASN A 177 10.69 0.62 27.64
CA ASN A 177 11.95 0.23 28.27
C ASN A 177 13.00 -0.06 27.21
N ASN A 178 12.77 0.43 25.99
CA ASN A 178 13.70 0.29 24.87
C ASN A 178 13.97 -1.18 24.52
N VAL A 179 12.95 -2.04 24.68
CA VAL A 179 13.05 -3.43 24.24
C VAL A 179 12.65 -3.51 22.77
N MET A 180 13.47 -4.20 21.98
CA MET A 180 13.25 -4.42 20.56
C MET A 180 12.27 -5.58 20.38
N LYS A 181 11.22 -5.34 19.57
CA LYS A 181 10.22 -6.33 19.19
C LYS A 181 10.12 -6.39 17.66
N ILE A 182 10.37 -7.57 17.09
CA ILE A 182 10.14 -7.79 15.67
C ILE A 182 8.64 -7.75 15.48
N ALA A 183 8.18 -7.01 14.46
CA ALA A 183 6.76 -6.87 14.20
C ALA A 183 6.49 -7.12 12.72
N ASP A 184 5.27 -6.82 12.27
CA ASP A 184 4.79 -6.89 10.89
C ASP A 184 5.00 -8.27 10.27
N PHE A 185 4.17 -9.24 10.67
CA PHE A 185 4.24 -10.63 10.22
C PHE A 185 3.30 -10.89 9.05
N GLY A 186 2.88 -9.81 8.36
CA GLY A 186 2.10 -9.90 7.14
C GLY A 186 2.60 -10.94 6.14
N LEU A 187 3.92 -10.94 5.89
CA LEU A 187 4.48 -11.77 4.84
C LEU A 187 5.15 -13.04 5.35
N ALA A 188 5.16 -13.26 6.69
CA ALA A 188 5.83 -14.40 7.30
C ALA A 188 5.11 -15.70 6.93
N ARG A 189 5.88 -16.80 6.82
N ARG A 189 5.87 -16.80 6.83
CA ARG A 189 5.39 -18.09 6.34
CA ARG A 189 5.36 -18.08 6.35
C ARG A 189 6.09 -19.22 7.10
C ARG A 189 6.08 -19.22 7.08
N ASP A 190 5.40 -20.36 7.25
CA ASP A 190 6.08 -21.60 7.62
C ASP A 190 7.03 -21.94 6.48
N ILE A 191 8.26 -22.38 6.82
CA ILE A 191 9.31 -22.68 5.85
C ILE A 191 8.77 -23.54 4.71
N ASN A 192 7.83 -24.45 5.01
CA ASN A 192 7.29 -25.40 4.03
C ASN A 192 6.25 -24.75 3.12
N ASN A 193 5.72 -23.60 3.52
CA ASN A 193 4.59 -22.98 2.83
C ASN A 193 5.07 -21.89 1.87
N ILE A 194 6.12 -22.20 1.08
CA ILE A 194 6.62 -21.34 0.02
C ILE A 194 6.41 -22.06 -1.32
N ASP A 195 5.93 -21.34 -2.34
CA ASP A 195 5.66 -21.98 -3.62
C ASP A 195 6.92 -21.96 -4.51
N TYR A 196 7.85 -22.90 -4.22
CA TYR A 196 9.23 -22.91 -4.68
C TYR A 196 9.33 -22.84 -6.21
N TYR A 197 10.20 -21.93 -6.70
CA TYR A 197 10.61 -21.82 -8.09
C TYR A 197 9.55 -21.15 -8.98
N LYS A 198 8.38 -20.82 -8.42
CA LYS A 198 7.30 -20.24 -9.21
C LYS A 198 7.53 -18.74 -9.33
N LYS A 199 7.32 -18.23 -10.56
CA LYS A 199 7.61 -16.87 -11.05
C LYS A 199 7.00 -15.81 -10.14
N THR A 200 5.90 -16.18 -9.50
CA THR A 200 5.02 -15.29 -8.76
C THR A 200 5.49 -15.17 -7.31
N THR A 201 6.50 -15.97 -6.91
CA THR A 201 6.94 -16.11 -5.53
C THR A 201 7.89 -14.97 -5.15
N ASN A 202 7.70 -14.42 -3.93
CA ASN A 202 8.52 -13.37 -3.33
C ASN A 202 8.38 -12.02 -4.04
N GLY A 203 7.23 -11.78 -4.69
CA GLY A 203 6.98 -10.61 -5.51
C GLY A 203 6.60 -9.36 -4.70
N ARG A 204 6.44 -9.50 -3.38
CA ARG A 204 5.98 -8.39 -2.55
C ARG A 204 6.96 -8.11 -1.40
N LEU A 205 8.22 -8.55 -1.56
CA LEU A 205 9.27 -8.24 -0.61
C LEU A 205 10.03 -7.00 -1.07
N PRO A 206 10.26 -6.00 -0.18
CA PRO A 206 11.09 -4.84 -0.49
C PRO A 206 12.45 -5.30 -1.02
N VAL A 207 12.73 -4.89 -2.26
CA VAL A 207 13.90 -5.31 -3.02
C VAL A 207 15.20 -5.07 -2.25
N LYS A 208 15.29 -3.96 -1.52
CA LYS A 208 16.55 -3.55 -0.93
C LYS A 208 16.94 -4.36 0.31
N TRP A 209 16.01 -5.14 0.88
CA TRP A 209 16.30 -5.98 2.03
C TRP A 209 16.34 -7.47 1.66
N MET A 210 16.16 -7.78 0.37
CA MET A 210 15.85 -9.15 -0.06
C MET A 210 17.09 -9.83 -0.65
N ALA A 211 17.28 -11.12 -0.31
CA ALA A 211 18.43 -11.91 -0.73
C ALA A 211 18.36 -12.20 -2.23
N PRO A 212 19.50 -12.18 -2.95
CA PRO A 212 19.51 -12.43 -4.39
C PRO A 212 18.64 -13.63 -4.76
N GLU A 213 18.84 -14.75 -4.05
CA GLU A 213 18.21 -16.03 -4.36
C GLU A 213 16.68 -15.99 -4.23
N ALA A 214 16.13 -15.05 -3.44
CA ALA A 214 14.69 -14.88 -3.34
C ALA A 214 14.11 -14.36 -4.66
N LEU A 215 14.90 -13.62 -5.44
CA LEU A 215 14.44 -13.17 -6.74
C LEU A 215 14.96 -14.09 -7.85
N PHE A 216 16.27 -14.36 -7.87
CA PHE A 216 16.85 -15.15 -8.95
C PHE A 216 16.22 -16.53 -9.01
N ASP A 217 16.08 -17.19 -7.85
CA ASP A 217 15.69 -18.60 -7.83
C ASP A 217 14.26 -18.81 -7.33
N ARG A 218 13.65 -17.80 -6.69
CA ARG A 218 12.28 -17.87 -6.23
C ARG A 218 12.12 -18.87 -5.08
N VAL A 219 13.07 -18.81 -4.13
CA VAL A 219 13.04 -19.64 -2.93
C VAL A 219 13.17 -18.72 -1.72
N TYR A 220 12.98 -19.26 -0.51
CA TYR A 220 13.16 -18.49 0.71
C TYR A 220 13.47 -19.43 1.86
N THR A 221 14.69 -19.30 2.42
CA THR A 221 15.13 -20.11 3.53
C THR A 221 15.44 -19.21 4.73
N HIS A 222 15.85 -19.79 5.86
CA HIS A 222 16.34 -18.98 6.96
C HIS A 222 17.58 -18.18 6.55
N GLN A 223 18.36 -18.71 5.61
CA GLN A 223 19.56 -18.03 5.14
C GLN A 223 19.21 -16.74 4.41
N SER A 224 17.98 -16.64 3.87
CA SER A 224 17.49 -15.44 3.21
C SER A 224 17.16 -14.36 4.25
N ASP A 225 16.58 -14.78 5.38
CA ASP A 225 16.29 -13.86 6.47
C ASP A 225 17.59 -13.29 7.05
N VAL A 226 18.66 -14.09 6.99
CA VAL A 226 19.94 -13.68 7.52
C VAL A 226 20.48 -12.50 6.68
N TRP A 227 20.41 -12.62 5.34
CA TRP A 227 20.67 -11.48 4.47
C TRP A 227 19.94 -10.21 4.95
N SER A 228 18.60 -10.27 5.07
CA SER A 228 17.87 -9.09 5.50
C SER A 228 18.39 -8.59 6.83
N PHE A 229 18.77 -9.49 7.75
CA PHE A 229 19.35 -9.10 9.04
C PHE A 229 20.61 -8.26 8.84
N GLY A 230 21.41 -8.65 7.84
CA GLY A 230 22.58 -7.84 7.52
C GLY A 230 22.20 -6.38 7.20
N VAL A 231 21.17 -6.22 6.37
CA VAL A 231 20.68 -4.90 6.01
C VAL A 231 20.15 -4.18 7.24
N LEU A 232 19.39 -4.87 8.08
CA LEU A 232 18.93 -4.31 9.34
C LEU A 232 20.12 -3.84 10.17
N MET A 233 21.22 -4.59 10.21
CA MET A 233 22.38 -4.19 10.99
C MET A 233 22.97 -2.87 10.49
N TRP A 234 22.94 -2.70 9.17
CA TRP A 234 23.53 -1.53 8.57
C TRP A 234 22.67 -0.33 8.91
N GLU A 235 21.35 -0.50 8.76
CA GLU A 235 20.35 0.43 9.24
C GLU A 235 20.66 0.85 10.68
N ILE A 236 20.90 -0.12 11.58
CA ILE A 236 21.13 0.20 12.98
C ILE A 236 22.39 1.06 13.14
N PHE A 237 23.52 0.65 12.52
CA PHE A 237 24.78 1.32 12.77
C PHE A 237 24.88 2.68 12.07
N THR A 238 24.00 2.93 11.08
CA THR A 238 23.89 4.25 10.45
C THR A 238 22.83 5.12 11.12
N LEU A 239 22.18 4.59 12.17
CA LEU A 239 21.16 5.34 12.92
C LEU A 239 19.96 5.64 12.02
N GLY A 240 19.66 4.69 11.13
CA GLY A 240 18.45 4.73 10.33
C GLY A 240 18.70 5.21 8.90
N GLY A 241 19.87 4.89 8.33
CA GLY A 241 20.15 5.26 6.95
C GLY A 241 19.30 4.45 5.98
N SER A 242 19.16 4.95 4.74
CA SER A 242 18.48 4.23 3.67
C SER A 242 19.47 3.33 2.92
N PRO A 243 19.23 2.01 2.88
CA PRO A 243 20.11 1.09 2.16
C PRO A 243 20.43 1.57 0.75
N TYR A 244 21.67 1.32 0.34
CA TYR A 244 22.18 1.62 -1.00
C TYR A 244 21.85 3.05 -1.37
N PRO A 245 22.38 4.05 -0.62
CA PRO A 245 22.09 5.46 -0.89
C PRO A 245 22.26 5.78 -2.37
N GLY A 246 21.16 6.26 -2.99
CA GLY A 246 21.20 6.81 -4.33
C GLY A 246 21.28 5.76 -5.44
N ILE A 247 21.24 4.47 -5.08
CA ILE A 247 21.09 3.41 -6.08
C ILE A 247 19.61 3.07 -6.18
N PRO A 248 18.97 3.33 -7.35
CA PRO A 248 17.54 3.09 -7.49
C PRO A 248 17.31 1.58 -7.50
N VAL A 249 16.17 1.17 -6.95
CA VAL A 249 15.72 -0.21 -6.86
C VAL A 249 15.92 -0.96 -8.19
N GLU A 250 15.83 -0.26 -9.32
CA GLU A 250 15.76 -0.87 -10.64
C GLU A 250 17.14 -1.36 -11.08
N GLU A 251 18.21 -0.82 -10.49
CA GLU A 251 19.58 -1.16 -10.87
C GLU A 251 20.23 -2.12 -9.87
N LEU A 252 19.62 -2.30 -8.70
CA LEU A 252 20.27 -2.92 -7.55
C LEU A 252 20.76 -4.34 -7.88
N PHE A 253 19.93 -5.15 -8.53
CA PHE A 253 20.20 -6.58 -8.58
C PHE A 253 21.40 -6.90 -9.47
N LYS A 254 21.55 -6.14 -10.56
CA LYS A 254 22.72 -6.29 -11.42
C LYS A 254 23.97 -5.93 -10.65
N LEU A 255 23.87 -4.94 -9.76
CA LEU A 255 24.97 -4.55 -8.93
C LEU A 255 25.31 -5.66 -7.94
N LEU A 256 24.29 -6.22 -7.27
CA LEU A 256 24.48 -7.27 -6.28
C LEU A 256 25.09 -8.52 -6.93
N LYS A 257 24.60 -8.85 -8.12
CA LYS A 257 25.14 -9.98 -8.88
C LYS A 257 26.64 -9.79 -9.09
N GLU A 258 27.08 -8.54 -9.26
CA GLU A 258 28.46 -8.24 -9.60
C GLU A 258 29.34 -8.20 -8.36
N GLY A 259 28.75 -8.22 -7.16
CA GLY A 259 29.51 -8.26 -5.92
C GLY A 259 29.45 -6.96 -5.12
N HIS A 260 28.68 -5.96 -5.58
CA HIS A 260 28.53 -4.70 -4.86
C HIS A 260 27.91 -4.99 -3.47
N ARG A 261 28.47 -4.36 -2.44
CA ARG A 261 27.92 -4.38 -1.09
C ARG A 261 28.13 -3.00 -0.45
N MET A 262 27.29 -2.63 0.51
CA MET A 262 27.41 -1.35 1.18
C MET A 262 28.74 -1.26 1.92
N ASP A 263 29.29 -0.04 2.01
CA ASP A 263 30.51 0.25 2.76
C ASP A 263 30.21 0.29 4.26
N LYS A 264 31.28 0.29 5.06
CA LYS A 264 31.19 0.33 6.51
C LYS A 264 30.56 1.64 6.94
N PRO A 265 29.56 1.62 7.84
CA PRO A 265 29.19 2.82 8.61
C PRO A 265 30.32 3.26 9.55
N ALA A 266 30.36 4.56 9.85
CA ALA A 266 31.40 5.13 10.71
C ALA A 266 31.27 4.70 12.19
N ASN A 267 30.05 4.54 12.73
CA ASN A 267 29.84 4.29 14.15
C ASN A 267 29.92 2.80 14.48
N CYS A 268 30.73 2.09 13.70
CA CYS A 268 30.67 0.64 13.61
C CYS A 268 32.11 0.10 13.52
N THR A 269 32.37 -0.95 14.30
CA THR A 269 33.71 -1.54 14.38
C THR A 269 33.95 -2.44 13.18
N ASN A 270 35.22 -2.73 12.88
CA ASN A 270 35.57 -3.60 11.76
C ASN A 270 34.89 -4.97 11.91
N GLU A 271 34.83 -5.45 13.15
CA GLU A 271 34.27 -6.74 13.52
C GLU A 271 32.78 -6.80 13.15
N LEU A 272 32.00 -5.81 13.59
CA LEU A 272 30.57 -5.76 13.32
C LEU A 272 30.28 -5.65 11.83
N TYR A 273 31.09 -4.88 11.10
CA TYR A 273 30.93 -4.78 9.66
C TYR A 273 31.25 -6.10 8.96
N MET A 274 32.16 -6.90 9.52
CA MET A 274 32.54 -8.17 8.91
C MET A 274 31.40 -9.18 9.07
N MET A 275 30.64 -9.00 10.15
CA MET A 275 29.43 -9.77 10.41
C MET A 275 28.36 -9.42 9.37
N MET A 276 28.17 -8.12 9.07
CA MET A 276 27.23 -7.71 8.02
C MET A 276 27.62 -8.35 6.69
N ARG A 277 28.90 -8.26 6.32
CA ARG A 277 29.38 -8.76 5.05
C ARG A 277 29.19 -10.26 4.95
N ASP A 278 29.30 -10.96 6.09
CA ASP A 278 29.05 -12.39 6.22
C ASP A 278 27.58 -12.71 5.93
N CYS A 279 26.68 -11.91 6.53
CA CYS A 279 25.25 -12.00 6.25
C CYS A 279 24.98 -11.80 4.76
N TRP A 280 25.88 -11.11 4.04
CA TRP A 280 25.66 -10.87 2.62
C TRP A 280 26.53 -11.80 1.77
N HIS A 281 26.95 -12.96 2.28
CA HIS A 281 27.66 -13.88 1.39
C HIS A 281 26.76 -14.24 0.22
N ALA A 282 27.37 -14.35 -0.96
CA ALA A 282 26.59 -14.64 -2.15
C ALA A 282 25.90 -15.99 -1.97
N VAL A 283 26.64 -16.96 -1.41
CA VAL A 283 26.20 -18.34 -1.26
C VAL A 283 25.41 -18.45 0.05
N PRO A 284 24.11 -18.81 0.01
CA PRO A 284 23.29 -18.82 1.23
C PRO A 284 23.80 -19.70 2.36
N SER A 285 24.37 -20.86 2.02
CA SER A 285 24.83 -21.81 3.02
C SER A 285 26.10 -21.31 3.70
N GLN A 286 26.75 -20.28 3.11
CA GLN A 286 27.98 -19.71 3.63
C GLN A 286 27.72 -18.54 4.59
N ARG A 287 26.47 -18.06 4.68
CA ARG A 287 26.09 -17.04 5.65
C ARG A 287 25.99 -17.68 7.04
N PRO A 288 26.21 -16.95 8.15
CA PRO A 288 26.01 -17.51 9.48
C PRO A 288 24.54 -17.89 9.73
N THR A 289 24.31 -18.75 10.73
CA THR A 289 22.97 -19.03 11.22
C THR A 289 22.61 -17.94 12.22
N PHE A 290 21.32 -17.80 12.53
CA PHE A 290 20.90 -16.89 13.58
C PHE A 290 21.53 -17.31 14.91
N LYS A 291 21.69 -18.61 15.13
CA LYS A 291 22.30 -19.17 16.33
C LYS A 291 23.76 -18.71 16.45
N GLN A 292 24.50 -18.75 15.33
CA GLN A 292 25.88 -18.30 15.28
C GLN A 292 25.94 -16.79 15.53
N LEU A 293 25.03 -16.02 14.91
CA LEU A 293 24.97 -14.58 15.10
C LEU A 293 24.76 -14.22 16.57
N VAL A 294 23.86 -14.93 17.26
CA VAL A 294 23.54 -14.67 18.66
C VAL A 294 24.81 -14.83 19.50
N GLU A 295 25.54 -15.94 19.33
CA GLU A 295 26.75 -16.23 20.08
C GLU A 295 27.78 -15.12 19.92
N ASP A 296 28.06 -14.72 18.68
CA ASP A 296 29.05 -13.72 18.35
C ASP A 296 28.66 -12.34 18.90
N LEU A 297 27.37 -12.02 18.85
CA LEU A 297 26.89 -10.74 19.35
C LEU A 297 26.95 -10.72 20.87
N ASP A 298 26.73 -11.88 21.51
CA ASP A 298 26.86 -12.01 22.95
C ASP A 298 28.29 -11.66 23.36
N ARG A 299 29.26 -12.37 22.76
CA ARG A 299 30.68 -12.15 23.04
C ARG A 299 31.01 -10.66 22.95
N ILE A 300 30.53 -9.98 21.90
CA ILE A 300 30.91 -8.61 21.60
C ILE A 300 30.26 -7.67 22.61
N LEU A 301 29.01 -7.97 22.99
CA LEU A 301 28.25 -7.14 23.92
C LEU A 301 28.78 -7.30 25.34
N THR A 302 29.12 -8.53 25.73
CA THR A 302 29.63 -8.82 27.07
C THR A 302 30.93 -8.06 27.33
N LEU A 303 31.68 -7.80 26.25
CA LEU A 303 33.02 -7.25 26.23
C LEU A 303 33.01 -5.72 26.11
N THR A 304 31.98 -5.17 25.45
CA THR A 304 31.77 -3.72 25.38
C THR A 304 31.23 -3.19 26.71
N THR A 305 30.52 -4.04 27.45
CA THR A 305 29.96 -3.74 28.77
C THR A 305 31.05 -3.69 29.83
N ASN A 306 31.97 -4.67 29.81
CA ASN A 306 33.10 -4.73 30.73
C ASN A 306 34.11 -3.63 30.41
N TYR B 6 19.33 -3.49 -18.86
CA TYR B 6 18.67 -3.82 -20.16
C TYR B 6 17.28 -4.42 -19.91
N GLU B 7 16.52 -3.83 -18.98
CA GLU B 7 15.37 -4.48 -18.37
C GLU B 7 14.05 -3.99 -19.00
N LEU B 8 14.03 -2.71 -19.42
CA LEU B 8 12.87 -2.07 -20.04
C LEU B 8 13.16 -1.76 -21.51
N PRO B 9 12.41 -2.35 -22.48
CA PRO B 9 12.63 -2.08 -23.90
C PRO B 9 12.42 -0.61 -24.28
N GLU B 10 13.15 -0.17 -25.32
CA GLU B 10 13.25 1.24 -25.67
C GLU B 10 12.06 1.67 -26.53
N ASP B 11 11.36 2.72 -26.06
CA ASP B 11 10.20 3.28 -26.74
C ASP B 11 10.46 4.76 -27.05
N PRO B 12 11.03 5.10 -28.23
CA PRO B 12 11.59 6.43 -28.46
C PRO B 12 10.55 7.55 -28.40
N LYS B 13 9.33 7.27 -28.89
CA LYS B 13 8.30 8.30 -29.06
C LYS B 13 7.77 8.78 -27.72
N TRP B 14 7.98 7.99 -26.66
CA TRP B 14 7.52 8.35 -25.33
C TRP B 14 8.70 8.74 -24.43
N GLU B 15 9.90 8.32 -24.82
CA GLU B 15 11.12 8.61 -24.08
C GLU B 15 11.32 10.11 -24.01
N PHE B 16 11.63 10.59 -22.79
CA PHE B 16 12.01 11.95 -22.49
C PHE B 16 13.41 11.95 -21.86
N PRO B 17 14.30 12.89 -22.23
CA PRO B 17 15.62 12.99 -21.59
C PRO B 17 15.58 13.41 -20.11
N ARG B 18 16.39 12.70 -19.29
CA ARG B 18 16.41 12.90 -17.84
C ARG B 18 16.89 14.28 -17.43
N ASP B 19 17.69 14.93 -18.29
CA ASP B 19 18.39 16.18 -17.99
C ASP B 19 17.44 17.37 -18.16
N LYS B 20 16.32 17.15 -18.85
CA LYS B 20 15.32 18.20 -19.08
C LYS B 20 14.37 18.31 -17.88
N LEU B 21 14.45 17.32 -16.98
CA LEU B 21 13.46 17.10 -15.95
C LEU B 21 14.04 17.46 -14.58
N THR B 22 13.41 18.45 -13.92
CA THR B 22 13.80 18.89 -12.59
C THR B 22 12.70 18.55 -11.59
N LEU B 23 12.96 17.53 -10.76
CA LEU B 23 12.07 17.15 -9.67
C LEU B 23 11.96 18.30 -8.66
N GLY B 24 10.78 18.39 -8.03
CA GLY B 24 10.42 19.46 -7.12
C GLY B 24 9.63 18.90 -5.94
N LYS B 25 8.63 19.66 -5.46
CA LYS B 25 7.96 19.35 -4.20
C LYS B 25 7.13 18.07 -4.33
N PRO B 26 7.20 17.13 -3.36
CA PRO B 26 6.25 16.00 -3.32
C PRO B 26 4.79 16.45 -3.29
N LEU B 27 3.93 15.68 -3.96
CA LEU B 27 2.48 15.86 -3.97
C LEU B 27 1.82 14.91 -2.98
N GLY B 28 2.28 13.65 -3.00
CA GLY B 28 1.71 12.62 -2.17
C GLY B 28 2.72 11.51 -2.00
N GLU B 29 3.02 11.23 -0.72
CA GLU B 29 3.91 10.17 -0.26
C GLU B 29 3.15 8.86 -0.42
N GLY B 30 1.95 8.84 0.17
CA GLY B 30 1.04 7.72 0.00
C GLY B 30 1.65 6.38 0.42
N CYS B 31 1.44 5.38 -0.44
CA CYS B 31 1.35 3.97 -0.05
C CYS B 31 2.57 3.13 -0.47
N PHE B 32 2.58 2.68 -1.74
CA PHE B 32 3.68 1.90 -2.28
C PHE B 32 4.10 2.50 -3.61
N GLY B 33 4.43 3.79 -3.55
CA GLY B 33 4.58 4.66 -4.70
C GLY B 33 4.59 6.13 -4.30
N GLN B 34 5.06 6.97 -5.24
CA GLN B 34 5.39 8.36 -4.96
C GLN B 34 5.14 9.20 -6.20
N VAL B 35 4.47 10.36 -6.04
CA VAL B 35 4.27 11.29 -7.14
C VAL B 35 4.79 12.66 -6.72
N VAL B 36 5.56 13.31 -7.62
CA VAL B 36 6.14 14.61 -7.35
C VAL B 36 5.85 15.56 -8.51
N MET B 37 5.68 16.85 -8.17
CA MET B 37 5.72 17.93 -9.13
C MET B 37 7.11 18.01 -9.73
N ALA B 38 7.17 18.56 -10.95
CA ALA B 38 8.41 18.65 -11.72
C ALA B 38 8.22 19.60 -12.89
N GLU B 39 9.36 20.07 -13.43
CA GLU B 39 9.41 20.96 -14.57
C GLU B 39 10.12 20.26 -15.72
N ALA B 40 9.48 20.23 -16.89
CA ALA B 40 10.03 19.50 -18.02
C ALA B 40 10.10 20.42 -19.22
N VAL B 41 11.33 20.69 -19.67
CA VAL B 41 11.59 21.61 -20.76
C VAL B 41 11.49 20.83 -22.08
N GLY B 42 10.51 21.23 -22.92
CA GLY B 42 10.40 20.73 -24.28
C GLY B 42 9.59 19.44 -24.39
N ILE B 43 8.89 19.08 -23.31
CA ILE B 43 8.13 17.84 -23.25
C ILE B 43 7.05 17.88 -24.33
N ASP B 44 6.39 19.03 -24.43
CA ASP B 44 5.54 19.40 -25.56
C ASP B 44 6.44 19.89 -26.70
N LYS B 45 6.43 19.13 -27.81
CA LYS B 45 7.45 19.19 -28.85
C LYS B 45 7.31 20.43 -29.74
N ASP B 46 6.10 21.02 -29.78
CA ASP B 46 5.80 22.19 -30.60
C ASP B 46 6.45 23.46 -30.02
N LYS B 47 6.82 23.42 -28.73
CA LYS B 47 7.33 24.61 -28.06
C LYS B 47 8.52 24.27 -27.18
N PRO B 48 9.69 23.86 -27.76
CA PRO B 48 10.88 23.64 -26.94
C PRO B 48 11.26 24.96 -26.29
N LYS B 49 11.99 24.87 -25.17
CA LYS B 49 12.39 26.01 -24.34
C LYS B 49 11.28 26.40 -23.37
N GLU B 50 10.09 25.79 -23.49
CA GLU B 50 8.97 26.08 -22.62
C GLU B 50 8.91 24.99 -21.56
N ALA B 51 8.82 25.42 -20.30
CA ALA B 51 8.92 24.57 -19.13
C ALA B 51 7.52 24.27 -18.58
N VAL B 52 6.92 23.19 -19.14
CA VAL B 52 5.62 22.67 -18.75
C VAL B 52 5.75 22.00 -17.38
N THR B 53 4.86 22.37 -16.46
CA THR B 53 4.74 21.72 -15.16
C THR B 53 4.07 20.35 -15.36
N VAL B 54 4.61 19.33 -14.68
CA VAL B 54 4.19 17.96 -14.88
C VAL B 54 4.17 17.26 -13.52
N ALA B 55 3.52 16.09 -13.45
CA ALA B 55 3.52 15.23 -12.27
C ALA B 55 4.25 13.94 -12.63
N VAL B 56 5.21 13.53 -11.77
CA VAL B 56 6.04 12.36 -12.02
C VAL B 56 5.76 11.28 -10.97
N LYS B 57 5.42 10.08 -11.45
CA LYS B 57 5.28 8.88 -10.65
C LYS B 57 6.57 8.07 -10.74
N MET B 58 7.02 7.61 -9.57
CA MET B 58 8.26 6.84 -9.37
C MET B 58 8.09 5.90 -8.18
N LEU B 59 9.05 5.00 -7.99
CA LEU B 59 9.06 4.06 -6.87
C LEU B 59 9.68 4.71 -5.64
N LYS B 60 9.22 4.32 -4.46
CA LYS B 60 9.88 4.70 -3.22
C LYS B 60 11.08 3.79 -2.96
N ASP B 61 11.74 3.97 -1.82
CA ASP B 61 12.98 3.26 -1.54
C ASP B 61 12.72 1.79 -1.17
N ASP B 62 11.55 1.51 -0.58
CA ASP B 62 11.18 0.19 -0.12
C ASP B 62 10.27 -0.53 -1.14
N ALA B 63 10.31 -0.08 -2.38
CA ALA B 63 9.58 -0.72 -3.47
C ALA B 63 9.87 -2.22 -3.58
N THR B 64 8.82 -2.97 -3.96
CA THR B 64 8.84 -4.39 -4.27
C THR B 64 8.85 -4.60 -5.79
N GLU B 65 9.08 -5.85 -6.23
CA GLU B 65 9.04 -6.24 -7.63
C GLU B 65 7.67 -5.97 -8.23
N LYS B 66 6.62 -6.23 -7.44
CA LYS B 66 5.23 -6.01 -7.85
C LYS B 66 4.98 -4.52 -8.08
N ASP B 67 5.45 -3.68 -7.16
CA ASP B 67 5.45 -2.24 -7.33
C ASP B 67 6.10 -1.81 -8.66
N LEU B 68 7.28 -2.33 -9.00
CA LEU B 68 7.88 -1.94 -10.27
C LEU B 68 6.95 -2.30 -11.43
N SER B 69 6.39 -3.52 -11.43
CA SER B 69 5.63 -3.97 -12.57
C SER B 69 4.25 -3.31 -12.61
N ASP B 70 3.69 -2.94 -11.45
CA ASP B 70 2.47 -2.15 -11.43
C ASP B 70 2.70 -0.81 -12.13
N LEU B 71 3.86 -0.19 -11.90
CA LEU B 71 4.15 1.10 -12.51
C LEU B 71 4.42 0.94 -14.01
N VAL B 72 5.23 -0.06 -14.38
CA VAL B 72 5.49 -0.32 -15.79
C VAL B 72 4.16 -0.56 -16.49
N SER B 73 3.25 -1.27 -15.81
CA SER B 73 1.97 -1.66 -16.37
C SER B 73 1.08 -0.44 -16.61
N GLU B 74 1.01 0.45 -15.62
CA GLU B 74 0.24 1.68 -15.77
C GLU B 74 0.75 2.45 -16.99
N MET B 75 2.07 2.61 -17.09
CA MET B 75 2.66 3.35 -18.18
C MET B 75 2.26 2.73 -19.51
N GLU B 76 2.30 1.40 -19.60
CA GLU B 76 2.00 0.69 -20.83
C GLU B 76 0.53 0.86 -21.24
N MET B 77 -0.38 0.88 -20.27
CA MET B 77 -1.79 1.11 -20.50
C MET B 77 -2.01 2.51 -21.09
N MET B 78 -1.39 3.53 -20.48
CA MET B 78 -1.59 4.91 -20.88
C MET B 78 -1.17 5.13 -22.32
N LYS B 79 -0.19 4.35 -22.81
CA LYS B 79 0.26 4.49 -24.19
C LYS B 79 -0.79 3.93 -25.14
N MET B 80 -1.40 2.81 -24.78
CA MET B 80 -2.31 2.11 -25.69
C MET B 80 -3.63 2.89 -25.83
N ILE B 81 -3.99 3.64 -24.79
CA ILE B 81 -5.36 4.02 -24.50
C ILE B 81 -5.81 5.19 -25.39
N GLY B 82 -4.88 6.06 -25.79
CA GLY B 82 -5.19 7.23 -26.60
C GLY B 82 -5.56 8.44 -25.74
N LYS B 83 -5.83 9.56 -26.42
CA LYS B 83 -6.02 10.86 -25.80
C LYS B 83 -7.53 11.16 -25.68
N HIS B 84 -7.94 11.68 -24.51
CA HIS B 84 -9.32 12.08 -24.33
C HIS B 84 -9.41 13.20 -23.30
N LYS B 85 -10.33 14.14 -23.55
CA LYS B 85 -10.62 15.25 -22.66
C LYS B 85 -10.58 14.79 -21.19
N ASN B 86 -11.20 13.63 -20.89
CA ASN B 86 -11.52 13.25 -19.53
C ASN B 86 -10.63 12.13 -19.01
N ILE B 87 -9.47 11.93 -19.62
CA ILE B 87 -8.49 10.98 -19.13
C ILE B 87 -7.19 11.75 -18.97
N ILE B 88 -6.51 11.53 -17.83
CA ILE B 88 -5.21 12.13 -17.56
C ILE B 88 -4.26 11.74 -18.70
N ASN B 89 -3.41 12.68 -19.13
CA ASN B 89 -2.54 12.44 -20.28
C ASN B 89 -1.16 12.02 -19.80
N LEU B 90 -0.65 10.92 -20.38
CA LEU B 90 0.76 10.55 -20.28
C LEU B 90 1.56 11.49 -21.18
N LEU B 91 2.63 12.10 -20.65
CA LEU B 91 3.44 13.03 -21.44
C LEU B 91 4.76 12.40 -21.88
N GLY B 92 5.26 11.43 -21.09
CA GLY B 92 6.51 10.77 -21.41
C GLY B 92 6.99 9.89 -20.25
N ALA B 93 8.23 9.36 -20.41
CA ALA B 93 8.85 8.48 -19.44
C ALA B 93 10.37 8.50 -19.57
N CYS B 94 11.06 8.47 -18.42
CA CYS B 94 12.49 8.16 -18.34
C CYS B 94 12.63 6.72 -17.86
N THR B 95 13.12 5.87 -18.78
CA THR B 95 13.05 4.42 -18.61
C THR B 95 14.44 3.79 -18.69
N GLN B 96 15.45 4.57 -19.10
CA GLN B 96 16.80 4.06 -19.30
C GLN B 96 17.75 4.74 -18.33
N ASP B 97 18.74 3.96 -17.84
CA ASP B 97 19.89 4.43 -17.06
C ASP B 97 19.43 5.27 -15.88
N GLY B 98 18.66 4.65 -14.98
CA GLY B 98 18.21 5.33 -13.77
C GLY B 98 16.83 4.87 -13.29
N PRO B 99 16.26 5.56 -12.27
CA PRO B 99 14.93 5.21 -11.74
C PRO B 99 13.90 5.43 -12.85
N LEU B 100 12.89 4.54 -12.91
CA LEU B 100 11.77 4.71 -13.83
C LEU B 100 10.92 5.90 -13.37
N TYR B 101 10.75 6.87 -14.28
CA TYR B 101 9.90 8.02 -14.07
C TYR B 101 8.81 8.00 -15.14
N VAL B 102 7.56 8.06 -14.70
CA VAL B 102 6.43 8.18 -15.62
C VAL B 102 5.85 9.59 -15.45
N ILE B 103 5.79 10.35 -16.55
CA ILE B 103 5.48 11.78 -16.51
C ILE B 103 4.06 12.02 -17.03
N PHE B 104 3.21 12.58 -16.17
CA PHE B 104 1.82 12.87 -16.49
C PHE B 104 1.58 14.38 -16.55
N GLU B 105 0.51 14.79 -17.24
CA GLU B 105 0.07 16.18 -17.15
C GLU B 105 -0.26 16.50 -15.69
N TYR B 106 -0.02 17.75 -15.28
CA TYR B 106 -0.28 18.19 -13.92
C TYR B 106 -1.71 18.72 -13.82
N ALA B 107 -2.52 18.13 -12.91
CA ALA B 107 -3.83 18.67 -12.59
C ALA B 107 -3.76 19.44 -11.28
N SER B 108 -4.03 20.75 -11.36
CA SER B 108 -3.59 21.70 -10.36
C SER B 108 -4.46 21.68 -9.10
N LYS B 109 -5.63 21.03 -9.17
CA LYS B 109 -6.57 21.05 -8.05
C LYS B 109 -6.60 19.72 -7.30
N GLY B 110 -5.83 18.73 -7.77
CA GLY B 110 -5.70 17.45 -7.07
C GLY B 110 -6.93 16.56 -7.20
N ASN B 111 -7.04 15.57 -6.32
CA ASN B 111 -8.05 14.52 -6.49
C ASN B 111 -9.43 15.06 -6.11
N LEU B 112 -10.46 14.33 -6.56
CA LEU B 112 -11.85 14.77 -6.52
C LEU B 112 -12.44 14.59 -5.11
N ARG B 113 -12.00 13.56 -4.36
CA ARG B 113 -12.45 13.34 -3.00
C ARG B 113 -12.16 14.59 -2.16
N GLU B 114 -10.91 15.07 -2.21
CA GLU B 114 -10.45 16.20 -1.41
C GLU B 114 -11.07 17.50 -1.91
N TYR B 115 -11.17 17.63 -3.23
CA TYR B 115 -11.73 18.81 -3.88
C TYR B 115 -13.15 19.03 -3.38
N LEU B 116 -13.95 17.95 -3.33
CA LEU B 116 -15.33 17.99 -2.88
C LEU B 116 -15.43 18.37 -1.41
N ARG B 117 -14.61 17.78 -0.55
CA ARG B 117 -14.69 18.06 0.89
C ARG B 117 -14.36 19.53 1.19
N ALA B 118 -13.38 20.06 0.47
CA ALA B 118 -12.91 21.42 0.61
C ALA B 118 -13.95 22.45 0.12
N ARG B 119 -15.02 21.96 -0.53
CA ARG B 119 -16.06 22.81 -1.13
C ARG B 119 -17.42 22.48 -0.53
N ARG B 120 -17.41 21.91 0.68
CA ARG B 120 -18.62 21.65 1.44
C ARG B 120 -19.15 22.96 2.00
N PRO B 121 -20.48 23.08 2.29
CA PRO B 121 -21.03 24.29 2.89
C PRO B 121 -20.58 24.41 4.35
N PRO B 122 -20.32 25.66 4.84
CA PRO B 122 -19.69 25.88 6.15
C PRO B 122 -20.05 25.00 7.35
N GLY B 123 -21.35 24.73 7.57
CA GLY B 123 -21.86 23.95 8.68
C GLY B 123 -20.92 22.83 9.12
N PRO B 134 -10.97 26.97 -4.58
CA PRO B 134 -11.03 27.75 -3.34
C PRO B 134 -12.09 27.18 -2.39
N GLU B 135 -12.77 28.06 -1.66
CA GLU B 135 -13.84 27.65 -0.78
C GLU B 135 -15.18 28.05 -1.42
N GLU B 136 -15.29 27.84 -2.73
CA GLU B 136 -16.50 28.19 -3.45
C GLU B 136 -17.37 26.95 -3.56
N GLN B 137 -18.41 26.91 -2.71
CA GLN B 137 -19.43 25.87 -2.67
C GLN B 137 -19.78 25.37 -4.08
N MET B 138 -20.13 24.08 -4.17
CA MET B 138 -20.47 23.39 -5.42
C MET B 138 -21.96 23.56 -5.71
N THR B 139 -22.28 23.97 -6.94
CA THR B 139 -23.67 24.11 -7.35
C THR B 139 -24.19 22.72 -7.74
N PHE B 140 -25.52 22.57 -7.76
CA PHE B 140 -26.11 21.35 -8.30
C PHE B 140 -25.62 21.12 -9.74
N LYS B 141 -25.54 22.19 -10.53
CA LYS B 141 -25.08 22.08 -11.91
C LYS B 141 -23.64 21.60 -11.95
N ASP B 142 -22.82 22.09 -11.01
CA ASP B 142 -21.41 21.73 -10.90
C ASP B 142 -21.26 20.22 -10.70
N LEU B 143 -22.11 19.65 -9.83
CA LEU B 143 -22.06 18.24 -9.51
C LEU B 143 -22.45 17.38 -10.72
N VAL B 144 -23.55 17.76 -11.41
CA VAL B 144 -24.03 16.98 -12.55
C VAL B 144 -23.00 17.07 -13.67
N SER B 145 -22.40 18.25 -13.83
CA SER B 145 -21.44 18.51 -14.89
C SER B 145 -20.26 17.55 -14.68
N CYS B 146 -19.87 17.40 -13.42
CA CYS B 146 -18.75 16.57 -13.01
C CYS B 146 -19.03 15.09 -13.32
N THR B 147 -20.25 14.63 -13.00
CA THR B 147 -20.66 13.26 -13.25
C THR B 147 -20.70 13.01 -14.75
N TYR B 148 -21.34 13.93 -15.48
CA TYR B 148 -21.40 13.83 -16.93
C TYR B 148 -20.00 13.63 -17.50
N GLN B 149 -19.03 14.37 -16.96
CA GLN B 149 -17.71 14.38 -17.56
C GLN B 149 -17.08 13.00 -17.36
N LEU B 150 -17.36 12.38 -16.21
CA LEU B 150 -16.72 11.13 -15.86
C LEU B 150 -17.35 9.98 -16.63
N ALA B 151 -18.68 10.08 -16.85
CA ALA B 151 -19.39 9.18 -17.75
C ALA B 151 -18.77 9.24 -19.15
N ARG B 152 -18.42 10.44 -19.63
CA ARG B 152 -17.80 10.56 -20.95
C ARG B 152 -16.44 9.86 -20.97
N GLY B 153 -15.65 10.06 -19.90
CA GLY B 153 -14.34 9.42 -19.80
C GLY B 153 -14.47 7.91 -19.90
N MET B 154 -15.43 7.38 -19.12
CA MET B 154 -15.70 5.95 -19.04
C MET B 154 -16.26 5.44 -20.36
N GLU B 155 -17.22 6.15 -20.95
CA GLU B 155 -17.71 5.82 -22.29
C GLU B 155 -16.53 5.61 -23.25
N TYR B 156 -15.50 6.46 -23.14
CA TYR B 156 -14.38 6.39 -24.05
C TYR B 156 -13.57 5.13 -23.75
N LEU B 157 -13.29 4.88 -22.46
CA LEU B 157 -12.46 3.74 -22.07
C LEU B 157 -13.08 2.45 -22.59
N ALA B 158 -14.41 2.34 -22.40
CA ALA B 158 -15.18 1.18 -22.83
C ALA B 158 -14.99 0.94 -24.33
N SER B 159 -15.00 2.01 -25.12
CA SER B 159 -14.86 1.91 -26.58
C SER B 159 -13.46 1.46 -26.98
N GLN B 160 -12.48 1.63 -26.07
CA GLN B 160 -11.10 1.25 -26.29
C GLN B 160 -10.82 -0.12 -25.68
N LYS B 161 -11.87 -0.80 -25.21
CA LYS B 161 -11.79 -2.16 -24.67
C LYS B 161 -10.97 -2.22 -23.37
N CYS B 162 -11.03 -1.13 -22.58
CA CYS B 162 -10.28 -0.99 -21.35
C CYS B 162 -11.25 -1.07 -20.17
N ILE B 163 -10.91 -1.89 -19.17
CA ILE B 163 -11.63 -1.88 -17.89
C ILE B 163 -10.72 -1.26 -16.86
N HIS B 164 -11.23 -0.27 -16.12
CA HIS B 164 -10.44 0.50 -15.16
C HIS B 164 -10.25 -0.32 -13.88
N ARG B 165 -11.37 -0.74 -13.27
CA ARG B 165 -11.41 -1.64 -12.11
C ARG B 165 -11.16 -0.90 -10.80
N ASP B 166 -10.76 0.38 -10.86
CA ASP B 166 -10.52 1.16 -9.66
C ASP B 166 -11.23 2.52 -9.73
N LEU B 167 -12.51 2.51 -10.12
CA LEU B 167 -13.22 3.76 -10.25
C LEU B 167 -13.63 4.25 -8.85
N ALA B 168 -13.22 5.47 -8.51
CA ALA B 168 -13.47 6.06 -7.20
C ALA B 168 -13.00 7.51 -7.24
N ALA B 169 -13.56 8.32 -6.33
CA ALA B 169 -13.27 9.74 -6.25
C ALA B 169 -11.79 10.02 -6.08
N ARG B 170 -11.08 9.19 -5.29
CA ARG B 170 -9.66 9.36 -5.00
C ARG B 170 -8.81 9.20 -6.27
N ASN B 171 -9.38 8.60 -7.31
CA ASN B 171 -8.65 8.24 -8.51
C ASN B 171 -9.01 9.18 -9.66
N VAL B 172 -9.74 10.27 -9.34
CA VAL B 172 -10.07 11.29 -10.31
C VAL B 172 -9.29 12.55 -9.95
N LEU B 173 -8.68 13.20 -10.95
CA LEU B 173 -7.97 14.46 -10.76
C LEU B 173 -8.75 15.60 -11.42
N VAL B 174 -8.59 16.83 -10.88
CA VAL B 174 -9.27 18.03 -11.36
C VAL B 174 -8.25 19.08 -11.80
N THR B 175 -8.41 19.55 -13.03
CA THR B 175 -7.55 20.57 -13.63
C THR B 175 -8.00 21.97 -13.19
N GLU B 176 -7.16 22.96 -13.57
CA GLU B 176 -7.31 24.38 -13.30
C GLU B 176 -8.71 24.88 -13.68
N ASN B 177 -9.26 24.37 -14.80
CA ASN B 177 -10.55 24.81 -15.33
C ASN B 177 -11.65 23.79 -15.06
N ASN B 178 -11.50 23.01 -13.98
CA ASN B 178 -12.47 22.01 -13.51
C ASN B 178 -12.85 20.99 -14.58
N VAL B 179 -11.86 20.55 -15.39
CA VAL B 179 -12.02 19.36 -16.21
C VAL B 179 -11.69 18.16 -15.33
N MET B 180 -12.57 17.15 -15.37
CA MET B 180 -12.36 15.90 -14.66
C MET B 180 -11.49 14.95 -15.49
N LYS B 181 -10.50 14.36 -14.80
CA LYS B 181 -9.55 13.44 -15.41
C LYS B 181 -9.54 12.14 -14.60
N ILE B 182 -9.90 11.05 -15.28
CA ILE B 182 -9.76 9.72 -14.72
C ILE B 182 -8.28 9.37 -14.76
N ALA B 183 -7.79 8.82 -13.65
CA ALA B 183 -6.37 8.57 -13.40
C ALA B 183 -6.23 7.19 -12.76
N ASP B 184 -5.00 6.80 -12.40
CA ASP B 184 -4.71 5.60 -11.64
C ASP B 184 -5.03 4.31 -12.40
N PHE B 185 -4.30 4.06 -13.48
CA PHE B 185 -4.56 2.94 -14.37
C PHE B 185 -3.77 1.71 -13.90
N GLY B 186 -3.24 1.80 -12.67
CA GLY B 186 -2.49 0.72 -12.05
C GLY B 186 -3.16 -0.65 -12.15
N LEU B 187 -4.50 -0.68 -12.01
CA LEU B 187 -5.29 -1.91 -12.04
C LEU B 187 -6.08 -2.08 -13.34
N ALA B 188 -5.96 -1.12 -14.27
CA ALA B 188 -6.74 -1.19 -15.51
C ALA B 188 -6.15 -2.29 -16.39
N ARG B 189 -7.04 -3.02 -17.07
CA ARG B 189 -6.68 -4.13 -17.93
C ARG B 189 -7.41 -3.98 -19.25
N ASP B 190 -6.79 -4.45 -20.34
CA ASP B 190 -7.49 -4.74 -21.59
C ASP B 190 -8.55 -5.78 -21.26
N ILE B 191 -9.63 -5.79 -22.04
CA ILE B 191 -10.78 -6.62 -21.74
C ILE B 191 -10.40 -8.10 -21.71
N ASN B 192 -9.40 -8.49 -22.52
CA ASN B 192 -9.10 -9.90 -22.73
C ASN B 192 -8.06 -10.38 -21.73
N ASN B 193 -7.46 -9.43 -21.01
CA ASN B 193 -6.38 -9.73 -20.08
C ASN B 193 -6.91 -9.71 -18.65
N ILE B 194 -7.87 -10.63 -18.39
CA ILE B 194 -8.36 -11.00 -17.06
C ILE B 194 -8.55 -12.51 -17.07
N ASP B 195 -8.05 -13.23 -16.05
CA ASP B 195 -8.30 -14.66 -15.97
C ASP B 195 -9.66 -14.91 -15.32
N TYR B 196 -10.64 -15.32 -16.12
CA TYR B 196 -11.98 -15.56 -15.60
C TYR B 196 -11.93 -16.80 -14.72
N TYR B 197 -12.51 -16.66 -13.51
CA TYR B 197 -12.90 -17.79 -12.68
C TYR B 197 -11.72 -18.33 -11.84
N LYS B 198 -10.55 -17.66 -11.84
CA LYS B 198 -9.45 -18.05 -10.96
C LYS B 198 -9.73 -17.35 -9.64
N LYS B 199 -9.28 -17.92 -8.52
CA LYS B 199 -9.67 -17.40 -7.21
C LYS B 199 -8.78 -16.21 -6.86
N THR B 200 -7.85 -15.95 -7.78
CA THR B 200 -6.79 -14.97 -7.62
C THR B 200 -7.13 -13.69 -8.39
N THR B 201 -8.21 -13.71 -9.17
CA THR B 201 -8.66 -12.56 -9.95
C THR B 201 -9.48 -11.61 -9.05
N ASN B 202 -9.20 -10.31 -9.19
CA ASN B 202 -9.94 -9.20 -8.59
C ASN B 202 -9.62 -9.08 -7.10
N GLY B 203 -8.52 -9.70 -6.67
CA GLY B 203 -8.09 -9.77 -5.28
C GLY B 203 -7.55 -8.44 -4.74
N ARG B 204 -7.19 -7.53 -5.66
CA ARG B 204 -6.56 -6.26 -5.28
C ARG B 204 -7.49 -5.07 -5.53
N LEU B 205 -8.80 -5.32 -5.69
CA LEU B 205 -9.78 -4.26 -5.98
C LEU B 205 -10.47 -3.81 -4.70
N PRO B 206 -10.45 -2.49 -4.39
CA PRO B 206 -11.13 -1.98 -3.20
C PRO B 206 -12.58 -2.45 -3.16
N VAL B 207 -12.97 -3.07 -2.05
CA VAL B 207 -14.19 -3.88 -1.95
C VAL B 207 -15.46 -3.01 -2.01
N LYS B 208 -15.42 -1.79 -1.45
CA LYS B 208 -16.63 -1.00 -1.32
C LYS B 208 -17.06 -0.37 -2.66
N TRP B 209 -16.20 -0.51 -3.69
CA TRP B 209 -16.42 0.05 -5.03
C TRP B 209 -16.67 -1.05 -6.06
N MET B 210 -16.76 -2.30 -5.60
CA MET B 210 -16.55 -3.46 -6.45
C MET B 210 -17.86 -4.20 -6.71
N ALA B 211 -18.12 -4.48 -8.00
CA ALA B 211 -19.30 -5.23 -8.39
C ALA B 211 -19.30 -6.61 -7.74
N PRO B 212 -20.44 -7.09 -7.20
CA PRO B 212 -20.52 -8.45 -6.64
C PRO B 212 -19.98 -9.55 -7.54
N GLU B 213 -20.28 -9.50 -8.84
CA GLU B 213 -19.80 -10.50 -9.79
C GLU B 213 -18.26 -10.49 -9.90
N ALA B 214 -17.59 -9.42 -9.49
CA ALA B 214 -16.14 -9.37 -9.55
C ALA B 214 -15.56 -10.40 -8.59
N LEU B 215 -16.19 -10.54 -7.42
CA LEU B 215 -15.69 -11.42 -6.37
C LEU B 215 -16.29 -12.83 -6.46
N PHE B 216 -17.62 -12.91 -6.50
CA PHE B 216 -18.33 -14.18 -6.44
CA PHE B 216 -18.32 -14.19 -6.43
C PHE B 216 -18.08 -15.02 -7.70
N ASP B 217 -17.99 -14.37 -8.87
CA ASP B 217 -17.83 -15.10 -10.12
C ASP B 217 -16.39 -15.02 -10.66
N ARG B 218 -15.60 -14.06 -10.16
CA ARG B 218 -14.24 -13.85 -10.64
C ARG B 218 -14.22 -13.55 -12.15
N VAL B 219 -15.07 -12.61 -12.56
CA VAL B 219 -15.06 -12.00 -13.89
C VAL B 219 -14.94 -10.48 -13.70
N TYR B 220 -14.63 -9.75 -14.80
CA TYR B 220 -14.75 -8.30 -14.84
C TYR B 220 -15.05 -7.83 -16.27
N THR B 221 -16.21 -7.18 -16.41
CA THR B 221 -16.63 -6.59 -17.68
C THR B 221 -16.87 -5.10 -17.50
N HIS B 222 -17.21 -4.41 -18.60
CA HIS B 222 -17.55 -2.99 -18.53
C HIS B 222 -18.70 -2.76 -17.57
N GLN B 223 -19.64 -3.72 -17.52
CA GLN B 223 -20.80 -3.61 -16.64
C GLN B 223 -20.37 -3.60 -15.18
N SER B 224 -19.18 -4.15 -14.89
CA SER B 224 -18.63 -4.13 -13.54
C SER B 224 -18.15 -2.72 -13.17
N ASP B 225 -17.57 -2.00 -14.14
CA ASP B 225 -17.16 -0.60 -13.99
C ASP B 225 -18.40 0.28 -13.75
N VAL B 226 -19.52 -0.06 -14.41
CA VAL B 226 -20.76 0.67 -14.19
C VAL B 226 -21.18 0.59 -12.72
N TRP B 227 -20.99 -0.57 -12.08
CA TRP B 227 -21.31 -0.64 -10.66
C TRP B 227 -20.51 0.42 -9.93
N SER B 228 -19.17 0.36 -10.12
CA SER B 228 -18.22 1.28 -9.53
C SER B 228 -18.65 2.72 -9.76
N PHE B 229 -19.09 3.01 -11.00
CA PHE B 229 -19.49 4.36 -11.39
C PHE B 229 -20.61 4.86 -10.48
N GLY B 230 -21.56 3.98 -10.17
CA GLY B 230 -22.63 4.23 -9.22
C GLY B 230 -22.11 4.67 -7.86
N VAL B 231 -21.08 3.99 -7.36
CA VAL B 231 -20.51 4.40 -6.08
C VAL B 231 -19.87 5.78 -6.19
N LEU B 232 -19.19 6.04 -7.32
CA LEU B 232 -18.53 7.32 -7.56
C LEU B 232 -19.53 8.47 -7.54
N MET B 233 -20.72 8.25 -8.14
CA MET B 233 -21.80 9.22 -8.18
C MET B 233 -22.28 9.54 -6.76
N TRP B 234 -22.46 8.49 -5.93
CA TRP B 234 -22.83 8.67 -4.53
C TRP B 234 -21.80 9.55 -3.82
N GLU B 235 -20.52 9.19 -4.00
CA GLU B 235 -19.38 9.96 -3.49
C GLU B 235 -19.49 11.42 -3.91
N ILE B 236 -19.84 11.69 -5.18
CA ILE B 236 -19.88 13.06 -5.70
C ILE B 236 -21.02 13.84 -5.03
N PHE B 237 -22.19 13.20 -4.92
CA PHE B 237 -23.42 13.86 -4.48
C PHE B 237 -23.48 13.99 -2.96
N THR B 238 -22.57 13.29 -2.26
CA THR B 238 -22.37 13.46 -0.83
C THR B 238 -21.18 14.39 -0.61
N LEU B 239 -20.65 14.94 -1.70
CA LEU B 239 -19.51 15.85 -1.65
C LEU B 239 -18.34 15.20 -0.92
N GLY B 240 -18.03 13.95 -1.28
CA GLY B 240 -16.84 13.28 -0.76
C GLY B 240 -17.11 12.33 0.41
N GLY B 241 -18.38 11.97 0.62
CA GLY B 241 -18.68 11.04 1.69
C GLY B 241 -17.94 9.72 1.46
N SER B 242 -17.97 8.85 2.47
CA SER B 242 -17.42 7.51 2.45
C SER B 242 -18.55 6.51 2.25
N PRO B 243 -18.44 5.62 1.26
CA PRO B 243 -19.52 4.70 0.92
C PRO B 243 -19.77 3.77 2.11
N TYR B 244 -21.03 3.35 2.26
CA TYR B 244 -21.47 2.41 3.28
C TYR B 244 -20.94 2.85 4.64
N PRO B 245 -21.40 4.01 5.17
CA PRO B 245 -20.88 4.56 6.42
C PRO B 245 -21.12 3.52 7.51
N GLY B 246 -20.09 3.30 8.35
CA GLY B 246 -20.17 2.44 9.52
C GLY B 246 -20.34 0.95 9.21
N ILE B 247 -20.24 0.57 7.92
CA ILE B 247 -20.25 -0.84 7.55
C ILE B 247 -18.81 -1.29 7.28
N PRO B 248 -18.31 -2.31 8.01
CA PRO B 248 -17.02 -2.94 7.68
C PRO B 248 -17.02 -3.70 6.36
N VAL B 249 -15.87 -3.66 5.68
CA VAL B 249 -15.59 -4.43 4.47
C VAL B 249 -16.02 -5.88 4.67
N GLU B 250 -15.78 -6.41 5.86
CA GLU B 250 -15.95 -7.82 6.18
C GLU B 250 -17.41 -8.26 6.02
N GLU B 251 -18.36 -7.33 6.19
CA GLU B 251 -19.77 -7.64 6.27
C GLU B 251 -20.57 -7.11 5.08
N LEU B 252 -19.88 -6.57 4.05
CA LEU B 252 -20.58 -5.85 3.00
C LEU B 252 -21.28 -6.81 2.04
N PHE B 253 -20.57 -7.84 1.57
CA PHE B 253 -21.12 -8.66 0.50
C PHE B 253 -22.41 -9.34 0.95
N LYS B 254 -22.37 -9.90 2.16
CA LYS B 254 -23.55 -10.50 2.76
C LYS B 254 -24.74 -9.54 2.63
N LEU B 255 -24.56 -8.29 3.08
CA LEU B 255 -25.62 -7.27 3.05
C LEU B 255 -26.05 -6.94 1.62
N LEU B 256 -25.16 -7.09 0.64
CA LEU B 256 -25.49 -6.77 -0.74
C LEU B 256 -26.36 -7.86 -1.37
N LYS B 257 -26.12 -9.12 -1.00
CA LYS B 257 -26.96 -10.23 -1.44
C LYS B 257 -28.39 -10.06 -0.92
N GLU B 258 -28.52 -9.53 0.30
CA GLU B 258 -29.80 -9.31 0.95
C GLU B 258 -30.50 -8.10 0.33
N GLY B 259 -29.80 -7.40 -0.58
CA GLY B 259 -30.38 -6.33 -1.38
C GLY B 259 -30.20 -4.93 -0.80
N HIS B 260 -29.39 -4.82 0.27
CA HIS B 260 -29.03 -3.52 0.83
C HIS B 260 -28.30 -2.70 -0.23
N ARG B 261 -28.56 -1.38 -0.21
CA ARG B 261 -27.93 -0.41 -1.10
C ARG B 261 -27.86 0.90 -0.35
N MET B 262 -26.88 1.75 -0.67
CA MET B 262 -26.77 3.00 0.07
C MET B 262 -28.05 3.82 -0.10
N ASP B 263 -28.29 4.73 0.84
CA ASP B 263 -29.44 5.61 0.85
C ASP B 263 -29.14 6.81 -0.03
N LYS B 264 -30.21 7.54 -0.40
CA LYS B 264 -30.12 8.73 -1.22
C LYS B 264 -29.39 9.85 -0.48
N PRO B 265 -28.32 10.43 -1.07
CA PRO B 265 -27.71 11.63 -0.52
C PRO B 265 -28.76 12.74 -0.47
N ALA B 266 -28.70 13.59 0.56
CA ALA B 266 -29.46 14.83 0.51
C ALA B 266 -28.81 15.70 -0.55
N ASN B 267 -29.58 16.63 -1.14
CA ASN B 267 -29.06 17.52 -2.19
C ASN B 267 -29.11 16.83 -3.56
N CYS B 268 -29.66 15.61 -3.58
CA CYS B 268 -29.65 14.76 -4.75
C CYS B 268 -31.10 14.43 -5.10
N THR B 269 -31.46 14.69 -6.36
CA THR B 269 -32.82 14.48 -6.88
C THR B 269 -33.16 13.00 -6.90
N ASN B 270 -34.45 12.71 -7.00
CA ASN B 270 -34.95 11.35 -7.08
C ASN B 270 -34.47 10.66 -8.37
N GLU B 271 -34.29 11.45 -9.44
CA GLU B 271 -33.92 10.94 -10.74
C GLU B 271 -32.45 10.49 -10.75
N LEU B 272 -31.58 11.25 -10.09
CA LEU B 272 -30.17 10.90 -10.00
C LEU B 272 -29.97 9.73 -9.06
N TYR B 273 -30.76 9.68 -7.98
CA TYR B 273 -30.68 8.54 -7.08
C TYR B 273 -31.11 7.26 -7.81
N MET B 274 -32.14 7.33 -8.65
CA MET B 274 -32.65 6.14 -9.30
C MET B 274 -31.62 5.64 -10.31
N MET B 275 -30.81 6.57 -10.81
CA MET B 275 -29.73 6.25 -11.73
C MET B 275 -28.62 5.50 -11.00
N MET B 276 -28.31 5.93 -9.75
CA MET B 276 -27.37 5.19 -8.91
C MET B 276 -27.86 3.76 -8.68
N ARG B 277 -29.15 3.61 -8.31
CA ARG B 277 -29.74 2.30 -8.05
C ARG B 277 -29.60 1.40 -9.27
N ASP B 278 -29.84 1.93 -10.49
CA ASP B 278 -29.73 1.10 -11.69
C ASP B 278 -28.29 0.62 -11.87
N CYS B 279 -27.31 1.44 -11.46
CA CYS B 279 -25.91 1.02 -11.56
C CYS B 279 -25.67 -0.20 -10.67
N TRP B 280 -26.46 -0.31 -9.58
CA TRP B 280 -26.30 -1.34 -8.56
C TRP B 280 -27.33 -2.46 -8.70
N HIS B 281 -27.80 -2.72 -9.91
CA HIS B 281 -28.52 -3.95 -10.20
C HIS B 281 -27.56 -5.11 -9.98
N ALA B 282 -28.07 -6.17 -9.34
CA ALA B 282 -27.31 -7.37 -9.11
C ALA B 282 -26.97 -8.04 -10.44
N VAL B 283 -27.86 -7.91 -11.43
CA VAL B 283 -27.63 -8.56 -12.71
C VAL B 283 -26.88 -7.56 -13.57
N PRO B 284 -25.63 -7.86 -14.00
CA PRO B 284 -24.84 -6.91 -14.79
C PRO B 284 -25.50 -6.30 -16.01
N SER B 285 -26.26 -7.11 -16.76
CA SER B 285 -26.81 -6.76 -18.07
C SER B 285 -28.07 -5.91 -17.93
N GLN B 286 -28.54 -5.74 -16.68
CA GLN B 286 -29.68 -4.89 -16.38
C GLN B 286 -29.21 -3.51 -15.94
N ARG B 287 -27.89 -3.33 -15.83
CA ARG B 287 -27.33 -2.04 -15.46
C ARG B 287 -27.24 -1.18 -16.73
N PRO B 288 -27.31 0.16 -16.65
CA PRO B 288 -27.12 0.97 -17.85
C PRO B 288 -25.71 0.79 -18.40
N THR B 289 -25.48 1.17 -19.67
CA THR B 289 -24.15 1.22 -20.23
C THR B 289 -23.62 2.63 -20.01
N PHE B 290 -22.33 2.85 -20.27
CA PHE B 290 -21.76 4.18 -20.07
C PHE B 290 -22.40 5.17 -21.03
N LYS B 291 -22.79 4.67 -22.21
CA LYS B 291 -23.42 5.48 -23.24
C LYS B 291 -24.78 5.96 -22.76
N GLN B 292 -25.60 5.06 -22.20
CA GLN B 292 -26.91 5.45 -21.71
C GLN B 292 -26.77 6.45 -20.55
N LEU B 293 -25.74 6.27 -19.72
CA LEU B 293 -25.51 7.16 -18.58
C LEU B 293 -25.19 8.56 -19.07
N VAL B 294 -24.32 8.68 -20.09
CA VAL B 294 -23.90 9.95 -20.66
C VAL B 294 -25.11 10.74 -21.18
N GLU B 295 -25.98 10.08 -21.94
CA GLU B 295 -27.17 10.68 -22.52
C GLU B 295 -28.15 11.19 -21.46
N ASP B 296 -28.36 10.43 -20.39
CA ASP B 296 -29.26 10.83 -19.32
C ASP B 296 -28.69 12.02 -18.54
N LEU B 297 -27.36 12.02 -18.35
CA LEU B 297 -26.72 13.09 -17.61
C LEU B 297 -26.63 14.36 -18.46
N ASP B 298 -26.42 14.18 -19.77
CA ASP B 298 -26.52 15.26 -20.74
C ASP B 298 -27.85 15.99 -20.59
N ARG B 299 -28.92 15.19 -20.45
CA ARG B 299 -30.28 15.70 -20.40
C ARG B 299 -30.48 16.52 -19.13
N ILE B 300 -30.13 15.94 -17.97
CA ILE B 300 -30.28 16.59 -16.68
C ILE B 300 -29.46 17.87 -16.61
N LEU B 301 -28.24 17.83 -17.17
CA LEU B 301 -27.35 18.98 -17.17
C LEU B 301 -27.94 20.11 -18.02
N THR B 302 -28.49 19.74 -19.19
CA THR B 302 -29.10 20.70 -20.11
C THR B 302 -30.32 21.35 -19.49
N LEU B 303 -31.21 20.56 -18.89
CA LEU B 303 -32.43 21.05 -18.23
C LEU B 303 -32.10 22.02 -17.09
N THR B 304 -30.97 21.81 -16.40
CA THR B 304 -30.55 22.64 -15.28
C THR B 304 -30.13 24.03 -15.77
N THR B 305 -29.37 24.03 -16.85
CA THR B 305 -28.88 25.25 -17.53
C THR B 305 -30.04 26.12 -17.97
N ASN B 306 -31.11 25.50 -18.45
CA ASN B 306 -32.27 26.24 -19.01
C ASN B 306 -33.28 26.65 -17.92
N GLU B 307 -32.83 27.38 -16.91
CA GLU B 307 -33.63 27.90 -15.77
C GLU B 307 -34.55 26.83 -15.21
N4 WF7 C . 2.23 -2.00 18.70
C24 WF7 C . 1.86 1.81 10.66
C23 WF7 C . 2.08 1.91 9.28
N3 WF7 C . 3.17 1.28 18.24
C22 WF7 C . 2.33 2.02 4.01
C20 WF7 C . 2.00 2.94 6.42
C18 WF7 C . 3.03 4.10 9.59
C19 WF7 C . 2.64 3.07 8.72
C17 WF7 C . 2.82 4.00 10.97
C15 WF7 C . 2.05 2.78 12.92
C16 WF7 C . 2.24 2.85 11.52
N2 WF7 C . 4.27 5.80 17.36
C21 WF7 C . 2.55 3.21 4.98
C14 WF7 C . 3.33 3.09 13.73
C1 WF7 C . 6.23 9.45 18.39
C13 WF7 C . 3.39 3.14 15.14
C4 WF7 C . 4.25 6.91 16.35
C5 WF7 C . 5.26 8.02 16.67
O1 WF7 C . 0.86 2.52 6.63
N1 WF7 C . 5.28 8.36 18.13
C6 WF7 C . 3.93 4.55 16.95
C3 WF7 C . 4.58 6.06 18.80
C2 WF7 C . 5.64 7.17 18.92
C7 WF7 C . 3.69 3.49 17.81
C12 WF7 C . 1.38 -3.01 16.52
C11 WF7 C . 1.95 -1.88 17.39
C10 WF7 C . 2.25 -0.63 16.98
C9 WF7 C . 2.74 0.03 18.06
C8 WF7 C . 3.33 2.24 17.30
N8 WF7 C . 3.75 4.33 15.64
N5 WF7 C . 2.71 -0.80 19.11
N6 WF7 C . 3.19 2.08 15.96
N7 WF7 C . 2.90 3.23 7.40
CAC FLC D . 5.10 -12.24 -1.99
CA FLC D . 4.06 -12.65 -0.95
CB FLC D . 2.98 -13.62 -1.45
CBC FLC D . 1.72 -13.47 -0.59
CG FLC D . 3.50 -15.05 -1.42
CGC FLC D . 4.61 -15.35 -2.41
OA1 FLC D . 4.77 -12.28 -3.22
OA2 FLC D . 6.24 -11.89 -1.58
OB1 FLC D . 0.75 -14.21 -0.84
OB2 FLC D . 1.76 -12.55 0.23
OG1 FLC D . 4.37 -15.22 -3.63
OG2 FLC D . 5.73 -15.71 -1.96
OHB FLC D . 2.62 -13.28 -2.77
C1 GOL E . 21.28 8.98 5.49
O1 GOL E . 21.03 9.49 6.80
C2 GOL E . 20.14 9.25 4.55
O2 GOL E . 19.85 8.10 3.77
C3 GOL E . 18.87 9.70 5.23
O3 GOL E . 17.73 9.48 4.39
N4 WF7 F . -1.16 14.65 -12.16
C24 WF7 F . -1.02 11.10 -4.48
C23 WF7 F . -0.90 9.77 -4.04
N3 WF7 F . -1.89 16.52 -9.39
C22 WF7 F . -2.44 5.43 0.04
C20 WF7 F . -2.00 7.51 -1.40
C18 WF7 F . -2.02 10.37 -2.00
C19 WF7 F . -1.39 9.39 -2.79
C17 WF7 F . -2.14 11.71 -2.44
C15 WF7 F . -1.78 13.45 -4.10
C16 WF7 F . -1.64 12.10 -3.70
N2 WF7 F . -2.48 18.42 -5.17
C21 WF7 F . -1.84 5.98 -1.27
C14 WF7 F . -1.75 13.73 -5.63
C1 WF7 F . -4.70 21.39 -3.27
C13 WF7 F . -1.89 15.03 -6.14
C4 WF7 F . -2.67 18.25 -3.70
C5 WF7 F . -3.80 19.15 -3.29
O1 WF7 F . -2.72 8.10 -0.60
N1 WF7 F . -3.59 20.54 -3.77
C6 WF7 F . -2.29 17.33 -5.93
C3 WF7 F . -2.39 19.79 -5.77
C2 WF7 F . -3.51 20.62 -5.25
C7 WF7 F . -2.19 17.47 -7.32
C12 WF7 F . -0.67 12.25 -11.55
C11 WF7 F . -1.04 13.71 -11.21
C10 WF7 F . -1.29 14.24 -10.00
C9 WF7 F . -1.57 15.52 -10.23
C8 WF7 F . -1.96 16.35 -8.09
N8 WF7 F . -2.14 16.11 -5.36
N5 WF7 F . -1.50 15.76 -11.54
N6 WF7 F . -1.82 15.15 -7.48
N7 WF7 F . -1.29 8.08 -2.43
CAC FLC G . -5.87 -9.72 -11.20
CA FLC G . -5.40 -8.29 -11.10
CB FLC G . -4.23 -8.03 -10.16
CBC FLC G . -2.94 -8.56 -10.78
CG FLC G . -4.46 -8.66 -8.78
CGC FLC G . -5.91 -8.78 -8.32
OA1 FLC G . -5.05 -10.63 -10.91
OA2 FLC G . -7.06 -9.94 -11.57
OB1 FLC G . -2.96 -8.81 -12.00
OB2 FLC G . -1.96 -8.64 -10.04
OG1 FLC G . -6.72 -7.83 -8.54
OG2 FLC G . -6.23 -9.85 -7.76
OHB FLC G . -4.06 -6.65 -9.98
C1 GOL H . -18.67 12.38 6.21
O1 GOL H . -19.26 13.47 5.53
C2 GOL H . -18.81 11.10 5.41
O2 GOL H . -17.56 10.41 5.41
C3 GOL H . -19.93 10.19 5.88
O3 GOL H . -20.60 9.52 4.82
#